data_7JLJ
#
_entry.id   7JLJ
#
_cell.length_a   58.501
_cell.length_b   58.501
_cell.length_c   161.858
_cell.angle_alpha   90.000
_cell.angle_beta   90.000
_cell.angle_gamma   90.000
#
_symmetry.space_group_name_H-M   'P 43 21 2'
#
loop_
_entity.id
_entity.type
_entity.pdbx_description
1 polymer 'Isoprenyl transferase'
2 non-polymer Clomifene
3 water water
#
_entity_poly.entity_id   1
_entity_poly.type   'polypeptide(L)'
_entity_poly.pdbx_seq_one_letter_code
;MLNILKNWKNQQTAASNLERYTKEDILKGEIPEHIAIIMDGNGRWAKKRSLPRIAGHHEGMKVVKRTTKLANELGVKVLT
LYAFSTENWKRPKMEVDFLMKLPEEFLNTYLPELVEENVQVRIIGDETALPAHTLRAIEKAVQDTAQNDGMILNFALNYG
GRTEIVSAAKSLAEKVKEGSLNIEDIDESLFSTYLMTESLQDPELLIRTSGEIRLSNFMLWQVAYSEFVFTDVLWPDFKE
DHFLQALGEFQQRGRRFGGI
;
_entity_poly.pdbx_strand_id   A
#
loop_
_chem_comp.id
_chem_comp.type
_chem_comp.name
_chem_comp.formula
53Q non-polymer Clomifene 'C26 H28 Cl N O'
#
# COMPACT_ATOMS: atom_id res chain seq x y z
N ARG A 20 20.77 6.33 11.50
CA ARG A 20 21.90 5.47 11.84
C ARG A 20 22.20 4.48 10.71
N TYR A 21 21.19 3.72 10.27
CA TYR A 21 21.37 2.75 9.19
C TYR A 21 21.39 3.47 7.85
N THR A 22 22.49 3.31 7.11
CA THR A 22 22.66 3.92 5.80
C THR A 22 22.12 2.98 4.72
N LYS A 23 22.13 3.46 3.48
CA LYS A 23 21.69 2.61 2.36
C LYS A 23 22.57 1.38 2.23
N GLU A 24 23.88 1.55 2.37
CA GLU A 24 24.81 0.43 2.23
C GLU A 24 24.73 -0.54 3.41
N ASP A 25 24.23 -0.10 4.56
CA ASP A 25 23.93 -1.04 5.63
C ASP A 25 22.65 -1.82 5.38
N ILE A 26 21.64 -1.18 4.78
CA ILE A 26 20.38 -1.87 4.54
C ILE A 26 20.51 -2.86 3.39
N LEU A 27 21.28 -2.52 2.34
CA LEU A 27 21.49 -3.46 1.24
C LEU A 27 22.29 -4.69 1.64
N LYS A 28 23.12 -4.56 2.68
CA LYS A 28 23.74 -5.74 3.26
C LYS A 28 22.70 -6.69 3.84
N GLY A 29 21.61 -6.17 4.42
CA GLY A 29 20.62 -6.98 5.09
C GLY A 29 19.50 -7.49 4.18
N GLU A 30 18.61 -8.26 4.81
CA GLU A 30 17.46 -8.83 4.11
C GLU A 30 16.47 -7.74 3.73
N ILE A 31 16.00 -7.80 2.48
CA ILE A 31 15.03 -6.85 1.92
C ILE A 31 13.69 -7.55 1.84
N PRO A 32 12.67 -7.15 2.62
CA PRO A 32 11.34 -7.75 2.49
C PRO A 32 10.86 -7.75 1.06
N GLU A 33 10.09 -8.78 0.72
CA GLU A 33 9.53 -8.82 -0.62
C GLU A 33 8.27 -7.98 -0.73
N HIS A 34 7.48 -7.88 0.33
CA HIS A 34 6.24 -7.12 0.29
C HIS A 34 6.17 -6.27 1.55
N ILE A 35 6.10 -4.96 1.33
CA ILE A 35 6.00 -3.96 2.37
C ILE A 35 4.66 -3.29 2.18
N ALA A 36 3.90 -3.14 3.25
CA ALA A 36 2.65 -2.40 3.19
C ALA A 36 2.80 -1.22 4.14
N ILE A 37 2.66 -0.02 3.61
CA ILE A 37 2.81 1.22 4.38
C ILE A 37 1.43 1.81 4.54
N ILE A 38 1.14 2.34 5.72
CA ILE A 38 -0.05 3.13 5.97
C ILE A 38 0.43 4.57 5.99
N MET A 39 0.21 5.27 4.87
CA MET A 39 0.44 6.71 4.76
C MET A 39 -0.66 7.45 5.53
N ASP A 40 -0.26 8.18 6.57
CA ASP A 40 -1.20 8.95 7.38
C ASP A 40 -0.47 10.18 7.90
N GLY A 41 -1.24 11.20 8.26
CA GLY A 41 -0.68 12.44 8.77
C GLY A 41 -0.50 13.55 7.75
N ASN A 42 -1.06 13.43 6.55
CA ASN A 42 -1.01 14.53 5.59
C ASN A 42 -1.64 15.79 6.16
N GLY A 43 -2.83 15.67 6.77
CA GLY A 43 -3.46 16.81 7.41
C GLY A 43 -2.67 17.40 8.57
N ARG A 44 -2.19 16.56 9.49
CA ARG A 44 -1.36 17.06 10.59
C ARG A 44 -0.13 17.79 10.07
N TRP A 45 0.40 17.35 8.93
CA TRP A 45 1.60 17.97 8.35
C TRP A 45 1.30 19.33 7.73
N ALA A 46 0.11 19.48 7.13
CA ALA A 46 -0.34 20.77 6.64
C ALA A 46 -0.50 21.76 7.79
N LYS A 47 -1.11 21.35 8.91
CA LYS A 47 -1.20 22.30 10.01
C LYS A 47 0.17 22.62 10.56
N LYS A 48 1.05 21.62 10.63
CA LYS A 48 2.36 21.82 11.24
C LYS A 48 3.16 22.86 10.46
N ARG A 49 2.86 23.05 9.17
CA ARG A 49 3.63 23.92 8.26
C ARG A 49 2.82 25.13 7.80
N SER A 50 1.65 25.38 8.42
CA SER A 50 0.69 26.45 8.09
C SER A 50 0.27 26.46 6.62
N LEU A 51 0.23 25.31 6.00
CA LEU A 51 -0.18 25.15 4.63
C LEU A 51 -1.62 24.67 4.58
N PRO A 52 -2.29 24.77 3.44
CA PRO A 52 -3.65 24.22 3.34
C PRO A 52 -3.56 22.70 3.33
N ARG A 53 -4.71 22.06 3.56
CA ARG A 53 -4.71 20.61 3.60
C ARG A 53 -4.36 20.02 2.23
N ILE A 54 -4.96 20.57 1.17
CA ILE A 54 -4.71 20.02 -0.16
C ILE A 54 -3.22 20.08 -0.48
N ALA A 55 -2.50 21.04 0.08
CA ALA A 55 -1.05 21.07 -0.11
C ALA A 55 -0.39 19.85 0.53
N GLY A 56 -0.84 19.47 1.73
CA GLY A 56 -0.31 18.27 2.35
C GLY A 56 -0.61 17.01 1.56
N HIS A 57 -1.81 16.91 1.00
CA HIS A 57 -2.10 15.78 0.12
C HIS A 57 -1.21 15.79 -1.13
N HIS A 58 -0.92 16.97 -1.69
CA HIS A 58 0.00 17.03 -2.82
C HIS A 58 1.40 16.54 -2.42
N GLU A 59 1.89 17.02 -1.28
CA GLU A 59 3.21 16.58 -0.80
C GLU A 59 3.22 15.06 -0.54
N GLY A 60 2.12 14.51 -0.03
CA GLY A 60 2.04 13.07 0.15
C GLY A 60 2.12 12.33 -1.17
N MET A 61 1.40 12.82 -2.17
CA MET A 61 1.54 12.31 -3.54
C MET A 61 2.99 12.29 -4.03
N LYS A 62 3.78 13.31 -3.67
CA LYS A 62 5.17 13.29 -4.15
C LYS A 62 6.03 12.28 -3.37
N VAL A 63 5.76 12.14 -2.08
CA VAL A 63 6.44 11.14 -1.26
C VAL A 63 6.15 9.73 -1.78
N VAL A 64 4.95 9.49 -2.30
CA VAL A 64 4.65 8.19 -2.91
C VAL A 64 5.70 7.85 -3.96
N LYS A 65 6.10 8.85 -4.76
CA LYS A 65 7.08 8.59 -5.82
C LYS A 65 8.48 8.38 -5.25
N ARG A 66 8.92 9.25 -4.33
CA ARG A 66 10.25 9.03 -3.75
C ARG A 66 10.37 7.62 -3.17
N THR A 67 9.39 7.23 -2.34
CA THR A 67 9.38 5.92 -1.75
C THR A 67 9.35 4.83 -2.82
N THR A 68 8.54 5.01 -3.87
CA THR A 68 8.43 3.96 -4.88
C THR A 68 9.76 3.71 -5.54
N LYS A 69 10.47 4.78 -5.89
CA LYS A 69 11.79 4.61 -6.48
C LYS A 69 12.74 3.96 -5.50
N LEU A 70 12.73 4.40 -4.24
CA LEU A 70 13.65 3.80 -3.27
C LEU A 70 13.40 2.30 -3.13
N ALA A 71 12.14 1.91 -3.06
CA ALA A 71 11.81 0.51 -2.90
C ALA A 71 12.11 -0.28 -4.17
N ASN A 72 11.99 0.36 -5.33
CA ASN A 72 12.40 -0.36 -6.53
C ASN A 72 13.90 -0.57 -6.55
N GLU A 73 14.66 0.41 -6.03
CA GLU A 73 16.11 0.22 -5.95
C GLU A 73 16.45 -0.92 -5.02
N LEU A 74 15.80 -1.01 -3.85
CA LEU A 74 16.24 -1.95 -2.80
C LEU A 74 15.98 -3.42 -3.10
N GLY A 75 15.26 -3.74 -4.18
CA GLY A 75 14.93 -5.12 -4.49
C GLY A 75 13.54 -5.54 -4.09
N VAL A 76 12.73 -4.61 -3.55
CA VAL A 76 11.39 -4.96 -3.12
C VAL A 76 10.57 -5.40 -4.32
N LYS A 77 9.66 -6.34 -4.10
CA LYS A 77 8.89 -6.89 -5.22
C LYS A 77 7.47 -6.37 -5.25
N VAL A 78 6.86 -6.19 -4.10
CA VAL A 78 5.51 -5.64 -4.02
C VAL A 78 5.51 -4.58 -2.95
N LEU A 79 4.87 -3.44 -3.26
CA LEU A 79 4.80 -2.29 -2.37
C LEU A 79 3.36 -1.82 -2.37
N THR A 80 2.68 -1.90 -1.23
CA THR A 80 1.29 -1.49 -1.10
C THR A 80 1.19 -0.20 -0.30
N LEU A 81 0.31 0.70 -0.76
CA LEU A 81 0.12 2.04 -0.21
C LEU A 81 -1.37 2.21 0.11
N TYR A 82 -1.68 2.73 1.29
CA TYR A 82 -3.06 2.99 1.71
C TYR A 82 -3.06 4.35 2.40
N ALA A 83 -4.08 5.16 2.12
CA ALA A 83 -4.20 6.51 2.72
C ALA A 83 -5.58 6.69 3.35
N PHE A 84 -5.68 6.43 4.67
CA PHE A 84 -6.97 6.57 5.40
C PHE A 84 -6.68 6.77 6.90
N LYS A 90 -14.58 12.77 8.13
CA LYS A 90 -15.26 13.20 6.90
C LYS A 90 -14.65 14.55 6.38
N ARG A 91 -14.85 14.94 5.09
CA ARG A 91 -14.12 16.05 4.49
C ARG A 91 -15.02 16.91 3.60
N PRO A 92 -14.79 18.23 3.52
CA PRO A 92 -15.67 19.04 2.68
C PRO A 92 -15.47 18.71 1.21
N LYS A 93 -16.55 18.88 0.43
CA LYS A 93 -16.57 18.65 -1.03
C LYS A 93 -15.28 19.02 -1.76
N MET A 94 -14.74 20.21 -1.46
CA MET A 94 -13.53 20.67 -2.13
C MET A 94 -12.38 19.68 -1.94
N GLU A 95 -12.15 19.28 -0.69
CA GLU A 95 -11.03 18.38 -0.42
C GLU A 95 -11.26 17.01 -1.05
N VAL A 96 -12.50 16.54 -1.06
CA VAL A 96 -12.83 15.25 -1.66
C VAL A 96 -12.57 15.28 -3.16
N ASP A 97 -13.06 16.32 -3.86
CA ASP A 97 -12.81 16.44 -5.30
C ASP A 97 -11.33 16.64 -5.60
N PHE A 98 -10.60 17.39 -4.76
CA PHE A 98 -9.16 17.50 -4.97
C PHE A 98 -8.49 16.14 -4.85
N LEU A 99 -8.84 15.38 -3.81
CA LEU A 99 -8.28 14.03 -3.64
C LEU A 99 -8.59 13.15 -4.86
N MET A 100 -9.84 13.15 -5.34
CA MET A 100 -10.17 12.24 -6.42
C MET A 100 -9.56 12.66 -7.76
N LYS A 101 -8.81 13.75 -7.80
CA LYS A 101 -8.05 14.14 -8.98
C LYS A 101 -6.55 13.96 -8.80
N LEU A 102 -6.09 13.69 -7.59
CA LEU A 102 -4.67 13.42 -7.36
C LEU A 102 -4.16 12.21 -8.12
N PRO A 103 -4.94 11.12 -8.24
CA PRO A 103 -4.47 10.00 -9.06
C PRO A 103 -4.11 10.37 -10.48
N GLU A 104 -4.93 11.23 -11.12
CA GLU A 104 -4.64 11.66 -12.49
C GLU A 104 -3.39 12.52 -12.55
N GLU A 105 -3.26 13.48 -11.62
CA GLU A 105 -2.05 14.29 -11.59
C GLU A 105 -0.83 13.43 -11.35
N PHE A 106 -0.96 12.42 -10.47
CA PHE A 106 0.15 11.52 -10.16
C PHE A 106 0.54 10.69 -11.38
N LEU A 107 -0.45 10.18 -12.12
CA LEU A 107 -0.20 9.38 -13.31
C LEU A 107 0.24 10.24 -14.50
N ASN A 108 -0.43 11.37 -14.76
CA ASN A 108 0.01 12.28 -15.80
C ASN A 108 1.39 12.87 -15.54
N THR A 109 1.94 12.71 -14.35
CA THR A 109 3.26 13.24 -14.02
C THR A 109 4.33 12.17 -13.95
N TYR A 110 4.05 11.04 -13.30
CA TYR A 110 5.07 10.04 -12.97
C TYR A 110 4.91 8.70 -13.67
N LEU A 111 3.90 8.51 -14.52
CA LEU A 111 3.72 7.23 -15.23
C LEU A 111 4.84 6.93 -16.21
N PRO A 112 5.37 7.90 -16.97
CA PRO A 112 6.53 7.59 -17.80
C PRO A 112 7.77 7.19 -17.00
N GLU A 113 8.02 7.89 -15.88
CA GLU A 113 9.10 7.56 -14.95
C GLU A 113 8.89 6.22 -14.27
N LEU A 114 7.64 5.71 -14.22
CA LEU A 114 7.43 4.37 -13.65
C LEU A 114 7.50 3.26 -14.69
N VAL A 115 6.96 3.47 -15.88
CA VAL A 115 7.15 2.47 -16.92
C VAL A 115 8.64 2.36 -17.26
N GLU A 116 9.40 3.45 -17.10
CA GLU A 116 10.83 3.37 -17.35
C GLU A 116 11.50 2.47 -16.32
N GLU A 117 10.93 2.38 -15.11
CA GLU A 117 11.46 1.55 -14.02
C GLU A 117 10.86 0.15 -13.97
N ASN A 118 10.08 -0.24 -14.98
CA ASN A 118 9.47 -1.57 -15.10
C ASN A 118 8.45 -1.85 -14.00
N VAL A 119 7.92 -0.80 -13.36
CA VAL A 119 6.98 -0.95 -12.24
C VAL A 119 5.59 -1.26 -12.77
N GLN A 120 4.97 -2.31 -12.23
CA GLN A 120 3.57 -2.59 -12.50
C GLN A 120 2.72 -1.84 -11.49
N VAL A 121 1.62 -1.29 -11.97
CA VAL A 121 0.70 -0.54 -11.13
C VAL A 121 -0.59 -1.33 -11.06
N ARG A 122 -1.09 -1.53 -9.85
CA ARG A 122 -2.37 -2.18 -9.64
C ARG A 122 -3.09 -1.45 -8.52
N ILE A 123 -4.39 -1.69 -8.43
CA ILE A 123 -5.27 -1.00 -7.51
C ILE A 123 -6.20 -2.03 -6.87
N ILE A 124 -6.36 -1.94 -5.55
CA ILE A 124 -7.21 -2.83 -4.77
C ILE A 124 -8.16 -1.97 -3.98
N GLY A 125 -9.38 -2.46 -3.84
CA GLY A 125 -10.40 -1.72 -3.13
C GLY A 125 -11.68 -1.69 -3.92
N ASP A 126 -12.52 -0.71 -3.62
CA ASP A 126 -13.76 -0.48 -4.34
C ASP A 126 -13.50 0.62 -5.36
N GLU A 127 -13.43 0.25 -6.64
CA GLU A 127 -13.21 1.25 -7.70
C GLU A 127 -14.49 2.02 -8.01
N THR A 128 -15.66 1.45 -7.70
CA THR A 128 -16.96 2.05 -7.97
C THR A 128 -17.24 3.29 -7.13
N ALA A 129 -16.40 3.61 -6.17
CA ALA A 129 -16.52 4.83 -5.38
C ALA A 129 -15.60 5.93 -5.88
N LEU A 130 -14.95 5.72 -7.03
CA LEU A 130 -14.25 6.72 -7.82
C LEU A 130 -15.11 7.21 -8.98
N PRO A 131 -14.96 8.48 -9.33
CA PRO A 131 -15.59 9.00 -10.54
C PRO A 131 -14.93 8.41 -11.78
N ALA A 132 -15.67 8.49 -12.88
CA ALA A 132 -15.25 7.87 -14.13
C ALA A 132 -13.91 8.40 -14.61
N HIS A 133 -13.70 9.73 -14.56
CA HIS A 133 -12.46 10.25 -15.13
C HIS A 133 -11.24 9.68 -14.39
N THR A 134 -11.37 9.48 -13.10
CA THR A 134 -10.27 8.90 -12.33
C THR A 134 -10.08 7.42 -12.65
N LEU A 135 -11.18 6.65 -12.70
CA LEU A 135 -11.04 5.23 -13.00
C LEU A 135 -10.46 4.97 -14.38
N ARG A 136 -10.80 5.81 -15.38
CA ARG A 136 -10.20 5.64 -16.70
C ARG A 136 -8.69 5.85 -16.65
N ALA A 137 -8.23 6.85 -15.90
CA ALA A 137 -6.79 7.08 -15.80
C ALA A 137 -6.10 5.91 -15.12
N ILE A 138 -6.69 5.45 -14.02
CA ILE A 138 -6.15 4.32 -13.26
C ILE A 138 -6.05 3.10 -14.15
N GLU A 139 -7.17 2.71 -14.76
CA GLU A 139 -7.20 1.55 -15.65
C GLU A 139 -6.18 1.70 -16.78
N LYS A 140 -6.02 2.90 -17.34
CA LYS A 140 -5.03 3.05 -18.40
C LYS A 140 -3.63 2.78 -17.84
N ALA A 141 -3.34 3.29 -16.64
CA ALA A 141 -2.02 3.11 -16.06
C ALA A 141 -1.74 1.64 -15.74
N VAL A 142 -2.78 0.92 -15.31
CA VAL A 142 -2.67 -0.53 -15.08
C VAL A 142 -2.35 -1.26 -16.39
N GLN A 143 -3.08 -0.93 -17.48
CA GLN A 143 -2.93 -1.61 -18.76
C GLN A 143 -1.61 -1.30 -19.46
N ASP A 144 -1.12 -0.06 -19.31
CA ASP A 144 0.20 0.31 -19.81
C ASP A 144 1.33 -0.28 -18.97
N THR A 145 1.01 -1.01 -17.92
CA THR A 145 2.01 -1.57 -17.01
C THR A 145 1.80 -3.05 -16.78
N ALA A 146 0.82 -3.68 -17.44
CA ALA A 146 0.60 -5.12 -17.31
C ALA A 146 1.74 -5.94 -17.90
N GLN A 147 2.35 -5.47 -18.99
CA GLN A 147 3.44 -6.19 -19.63
C GLN A 147 4.76 -6.04 -18.89
N ASN A 148 4.76 -5.47 -17.69
CA ASN A 148 5.98 -5.37 -16.90
C ASN A 148 6.11 -6.51 -15.89
N ASP A 149 7.37 -6.76 -15.49
CA ASP A 149 7.66 -7.83 -14.53
C ASP A 149 8.56 -7.31 -13.40
N GLY A 150 8.66 -5.99 -13.25
CA GLY A 150 9.38 -5.38 -12.14
C GLY A 150 8.51 -5.22 -10.90
N MET A 151 8.87 -4.23 -10.08
CA MET A 151 8.20 -4.03 -8.81
C MET A 151 6.71 -3.74 -9.01
N ILE A 152 5.90 -4.08 -8.01
CA ILE A 152 4.46 -3.85 -8.07
C ILE A 152 4.13 -2.64 -7.21
N LEU A 153 3.36 -1.71 -7.74
CA LEU A 153 2.93 -0.54 -7.01
C LEU A 153 1.43 -0.71 -6.80
N ASN A 154 1.08 -1.06 -5.57
CA ASN A 154 -0.28 -1.46 -5.22
C ASN A 154 -0.91 -0.30 -4.42
N PHE A 155 -1.98 0.26 -4.94
CA PHE A 155 -2.71 1.35 -4.28
C PHE A 155 -4.01 0.84 -3.68
N ALA A 156 -4.27 1.20 -2.42
CA ALA A 156 -5.54 0.92 -1.74
C ALA A 156 -6.40 2.18 -1.70
N LEU A 157 -7.40 2.24 -2.57
CA LEU A 157 -8.40 3.29 -2.54
C LEU A 157 -9.72 2.69 -2.10
N ASN A 158 -10.35 3.30 -1.10
CA ASN A 158 -11.66 2.84 -0.62
C ASN A 158 -11.56 1.37 -0.27
N TYR A 159 -10.59 1.05 0.59
CA TYR A 159 -10.27 -0.33 0.98
C TYR A 159 -10.64 -0.61 2.44
N GLY A 160 -11.46 -1.63 2.64
CA GLY A 160 -11.79 -2.09 3.98
C GLY A 160 -11.48 -3.56 4.20
N GLY A 161 -10.64 -3.85 5.20
CA GLY A 161 -10.28 -5.23 5.48
C GLY A 161 -11.46 -6.11 5.81
N ARG A 162 -12.33 -5.64 6.69
CA ARG A 162 -13.53 -6.41 7.00
C ARG A 162 -14.41 -6.60 5.76
N THR A 163 -14.51 -5.58 4.90
CA THR A 163 -15.41 -5.73 3.74
C THR A 163 -14.79 -6.65 2.69
N GLU A 164 -13.46 -6.65 2.61
CA GLU A 164 -12.76 -7.63 1.78
C GLU A 164 -13.03 -9.06 2.23
N ILE A 165 -12.91 -9.32 3.55
CA ILE A 165 -13.15 -10.65 4.11
C ILE A 165 -14.61 -11.07 3.88
N VAL A 166 -15.55 -10.16 4.12
CA VAL A 166 -16.97 -10.51 3.92
C VAL A 166 -17.26 -10.76 2.44
N SER A 167 -16.66 -9.98 1.54
CA SER A 167 -16.91 -10.23 0.10
C SER A 167 -16.32 -11.57 -0.34
N ALA A 168 -15.12 -11.92 0.14
CA ALA A 168 -14.59 -13.25 -0.16
C ALA A 168 -15.53 -14.33 0.34
N ALA A 169 -16.04 -14.18 1.58
CA ALA A 169 -17.03 -15.10 2.11
C ALA A 169 -18.22 -15.24 1.18
N LYS A 170 -18.73 -14.12 0.65
CA LYS A 170 -19.95 -14.12 -0.14
C LYS A 170 -19.74 -14.73 -1.52
N SER A 171 -18.55 -14.53 -2.09
CA SER A 171 -18.28 -15.18 -3.37
C SER A 171 -18.18 -16.67 -3.19
N LEU A 172 -17.53 -17.11 -2.11
CA LEU A 172 -17.45 -18.53 -1.75
C LEU A 172 -18.84 -19.12 -1.58
N ALA A 173 -19.73 -18.40 -0.89
CA ALA A 173 -21.11 -18.82 -0.74
C ALA A 173 -21.83 -18.89 -2.08
N GLU A 174 -21.56 -17.94 -2.98
CA GLU A 174 -22.12 -18.04 -4.33
C GLU A 174 -21.67 -19.32 -5.01
N LYS A 175 -20.37 -19.63 -4.95
CA LYS A 175 -19.88 -20.85 -5.60
C LYS A 175 -20.46 -22.10 -4.95
N VAL A 176 -20.64 -22.10 -3.64
CA VAL A 176 -21.30 -23.22 -3.01
C VAL A 176 -22.76 -23.32 -3.49
N LYS A 177 -23.46 -22.19 -3.60
CA LYS A 177 -24.85 -22.22 -4.04
C LYS A 177 -24.98 -22.77 -5.46
N GLU A 178 -24.08 -22.37 -6.37
CA GLU A 178 -24.18 -22.87 -7.74
C GLU A 178 -23.81 -24.34 -7.82
N GLY A 179 -23.11 -24.86 -6.81
CA GLY A 179 -22.60 -26.21 -6.86
C GLY A 179 -21.23 -26.38 -7.49
N SER A 180 -20.50 -25.30 -7.75
CA SER A 180 -19.18 -25.46 -8.31
C SER A 180 -18.09 -25.59 -7.26
N LEU A 181 -18.44 -25.52 -5.96
CA LEU A 181 -17.46 -25.62 -4.88
C LEU A 181 -18.10 -26.27 -3.66
N ASN A 182 -17.49 -27.36 -3.21
CA ASN A 182 -17.95 -28.08 -2.02
C ASN A 182 -17.35 -27.44 -0.75
N ILE A 183 -18.15 -27.41 0.32
CA ILE A 183 -17.78 -26.65 1.52
C ILE A 183 -16.54 -27.25 2.20
N GLU A 184 -16.28 -28.54 1.99
CA GLU A 184 -15.10 -29.16 2.58
C GLU A 184 -13.82 -28.84 1.81
N ASP A 185 -13.91 -28.12 0.69
CA ASP A 185 -12.74 -27.71 -0.10
C ASP A 185 -12.21 -26.32 0.30
N ILE A 186 -12.89 -25.64 1.23
CA ILE A 186 -12.53 -24.28 1.67
C ILE A 186 -11.54 -24.38 2.83
N ASP A 187 -10.42 -23.68 2.72
CA ASP A 187 -9.38 -23.68 3.76
C ASP A 187 -8.64 -22.33 3.69
N GLU A 188 -7.69 -22.14 4.62
CA GLU A 188 -6.87 -20.94 4.61
C GLU A 188 -6.28 -20.63 3.22
N SER A 189 -5.75 -21.65 2.53
CA SER A 189 -5.24 -21.47 1.18
C SER A 189 -6.32 -20.96 0.23
N LEU A 190 -7.39 -21.73 0.03
CA LEU A 190 -8.43 -21.28 -0.88
C LEU A 190 -8.99 -19.92 -0.47
N PHE A 191 -9.10 -19.64 0.84
CA PHE A 191 -9.67 -18.36 1.27
C PHE A 191 -8.76 -17.19 0.91
N SER A 192 -7.45 -17.37 1.03
CA SER A 192 -6.56 -16.30 0.58
C SER A 192 -6.78 -15.98 -0.89
N THR A 193 -7.11 -16.99 -1.70
CA THR A 193 -7.24 -16.71 -3.12
C THR A 193 -8.44 -15.84 -3.44
N TYR A 194 -9.40 -15.73 -2.51
CA TYR A 194 -10.62 -14.95 -2.73
C TYR A 194 -10.50 -13.54 -2.13
N LEU A 195 -9.32 -13.14 -1.66
CA LEU A 195 -9.08 -11.78 -1.21
C LEU A 195 -8.59 -10.92 -2.37
N MET A 196 -8.69 -9.59 -2.18
CA MET A 196 -8.24 -8.69 -3.22
C MET A 196 -6.77 -8.87 -3.54
N THR A 197 -5.98 -9.43 -2.63
CA THR A 197 -4.56 -9.64 -2.90
C THR A 197 -4.30 -11.10 -3.27
N GLU A 198 -4.97 -11.58 -4.30
CA GLU A 198 -5.00 -13.03 -4.51
C GLU A 198 -3.68 -13.55 -5.09
N SER A 199 -3.19 -12.92 -6.15
CA SER A 199 -1.91 -13.31 -6.74
C SER A 199 -0.73 -12.74 -5.97
N LEU A 200 -0.96 -12.19 -4.78
CA LEU A 200 0.06 -11.56 -3.97
C LEU A 200 0.39 -12.36 -2.73
N GLN A 201 1.59 -12.08 -2.23
CA GLN A 201 2.13 -12.61 -0.99
C GLN A 201 1.83 -11.68 0.17
N ASP A 202 1.65 -12.26 1.36
CA ASP A 202 1.34 -11.46 2.53
C ASP A 202 2.48 -10.51 2.86
N PRO A 203 2.19 -9.30 3.34
CA PRO A 203 3.25 -8.33 3.66
C PRO A 203 4.21 -8.83 4.73
N GLU A 204 5.47 -9.05 4.34
CA GLU A 204 6.51 -9.27 5.34
C GLU A 204 6.63 -8.09 6.30
N LEU A 205 6.41 -6.85 5.82
CA LEU A 205 6.54 -5.68 6.72
C LEU A 205 5.35 -4.75 6.60
N LEU A 206 4.86 -4.27 7.74
CA LEU A 206 3.86 -3.22 7.79
C LEU A 206 4.43 -1.99 8.47
N ILE A 207 4.22 -0.83 7.87
CA ILE A 207 4.71 0.41 8.42
C ILE A 207 3.52 1.31 8.65
N ARG A 208 3.50 2.00 9.76
CA ARG A 208 2.41 2.94 10.00
C ARG A 208 3.00 4.21 10.57
N THR A 209 2.51 5.34 10.07
CA THR A 209 3.00 6.67 10.39
C THR A 209 1.91 7.45 11.14
N SER A 210 2.18 8.74 11.40
CA SER A 210 1.31 9.67 12.11
C SER A 210 1.19 9.36 13.58
N GLY A 211 2.03 8.46 14.10
CA GLY A 211 2.05 8.14 15.51
C GLY A 211 1.00 7.14 15.99
N GLU A 212 -0.03 6.88 15.20
CA GLU A 212 -1.09 6.00 15.67
C GLU A 212 -0.58 4.58 15.72
N ILE A 213 -0.93 3.87 16.80
CA ILE A 213 -0.59 2.47 16.96
C ILE A 213 -1.89 1.69 16.84
N ARG A 214 -2.37 1.48 15.63
CA ARG A 214 -3.57 0.73 15.33
C ARG A 214 -3.39 0.10 13.98
N LEU A 215 -4.40 -0.66 13.54
CA LEU A 215 -4.46 -1.14 12.16
C LEU A 215 -5.46 -0.37 11.31
N SER A 216 -6.53 0.12 11.92
CA SER A 216 -7.56 0.85 11.20
C SER A 216 -8.05 0.04 10.00
N ASN A 217 -8.44 -1.20 10.22
CA ASN A 217 -9.13 -2.01 9.21
C ASN A 217 -8.35 -2.14 7.90
N PHE A 218 -7.05 -2.41 7.99
CA PHE A 218 -6.24 -2.56 6.79
C PHE A 218 -5.57 -3.93 6.77
N MET A 219 -5.93 -4.73 5.75
CA MET A 219 -5.31 -6.05 5.45
C MET A 219 -5.23 -6.96 6.67
N LEU A 220 -6.39 -7.13 7.33
CA LEU A 220 -6.45 -7.86 8.61
C LEU A 220 -5.94 -9.29 8.45
N TRP A 221 -6.51 -10.04 7.51
CA TRP A 221 -6.01 -11.37 7.19
C TRP A 221 -4.52 -11.36 6.81
N GLN A 222 -4.02 -10.28 6.21
CA GLN A 222 -2.71 -10.43 5.61
C GLN A 222 -1.59 -10.16 6.60
N VAL A 223 -1.82 -9.29 7.60
CA VAL A 223 -0.76 -8.89 8.51
C VAL A 223 -0.70 -9.81 9.72
N ALA A 224 -1.25 -11.02 9.56
CA ALA A 224 -1.30 -11.98 10.65
C ALA A 224 0.09 -12.22 11.20
N TYR A 225 1.05 -12.55 10.33
CA TYR A 225 2.41 -12.82 10.75
C TYR A 225 3.37 -11.71 10.30
N SER A 226 2.89 -10.47 10.22
CA SER A 226 3.67 -9.34 9.70
C SER A 226 4.29 -8.52 10.82
N GLU A 227 5.57 -8.21 10.68
CA GLU A 227 6.22 -7.32 11.63
C GLU A 227 5.67 -5.91 11.47
N PHE A 228 5.26 -5.29 12.57
CA PHE A 228 4.71 -3.94 12.54
C PHE A 228 5.75 -2.96 13.03
N VAL A 229 6.03 -1.95 12.23
CA VAL A 229 6.88 -0.85 12.66
C VAL A 229 6.00 0.40 12.71
N PHE A 230 6.00 1.07 13.85
CA PHE A 230 5.28 2.33 14.02
C PHE A 230 6.27 3.45 14.19
N THR A 231 5.86 4.66 13.78
CA THR A 231 6.74 5.80 13.73
C THR A 231 5.90 7.07 13.78
N ASP A 232 6.35 8.04 14.57
CA ASP A 232 5.59 9.28 14.70
C ASP A 232 5.77 10.21 13.49
N VAL A 233 6.82 9.99 12.68
CA VAL A 233 7.04 10.78 11.47
C VAL A 233 5.80 10.81 10.59
N LEU A 234 5.35 12.01 10.24
CA LEU A 234 4.23 12.21 9.32
C LEU A 234 4.60 11.81 7.90
N TRP A 235 3.58 11.39 7.14
CA TRP A 235 3.87 10.80 5.83
C TRP A 235 4.57 11.74 4.86
N PRO A 236 4.23 13.04 4.77
CA PRO A 236 5.07 13.93 3.94
C PRO A 236 6.54 14.01 4.36
N ASP A 237 6.88 13.87 5.65
CA ASP A 237 8.25 13.87 6.13
C ASP A 237 8.95 12.51 6.03
N PHE A 238 8.26 11.49 5.53
CA PHE A 238 8.85 10.15 5.42
C PHE A 238 9.55 10.04 4.06
N LYS A 239 10.80 10.52 4.02
CA LYS A 239 11.60 10.44 2.81
C LYS A 239 12.53 9.22 2.82
N GLU A 240 13.71 9.33 2.22
CA GLU A 240 14.59 8.16 2.10
C GLU A 240 15.09 7.69 3.44
N ASP A 241 15.52 8.63 4.32
CA ASP A 241 16.18 8.24 5.57
C ASP A 241 15.26 7.44 6.48
N HIS A 242 14.04 7.92 6.71
CA HIS A 242 13.14 7.25 7.63
C HIS A 242 12.73 5.87 7.11
N PHE A 243 12.61 5.73 5.80
CA PHE A 243 12.35 4.42 5.23
C PHE A 243 13.49 3.47 5.55
N LEU A 244 14.73 3.94 5.44
CA LEU A 244 15.91 3.13 5.78
C LEU A 244 15.90 2.77 7.25
N GLN A 245 15.51 3.71 8.11
CA GLN A 245 15.47 3.44 9.54
C GLN A 245 14.41 2.39 9.85
N ALA A 246 13.27 2.44 9.16
CA ALA A 246 12.25 1.42 9.32
C ALA A 246 12.77 0.05 8.90
N LEU A 247 13.54 0.02 7.82
CA LEU A 247 14.13 -1.24 7.37
C LEU A 247 15.20 -1.74 8.32
N GLY A 248 15.96 -0.84 8.94
CA GLY A 248 16.90 -1.26 9.96
C GLY A 248 16.21 -1.86 11.17
N GLU A 249 15.09 -1.26 11.59
CA GLU A 249 14.31 -1.85 12.68
C GLU A 249 13.89 -3.27 12.34
N PHE A 250 13.35 -3.45 11.15
CA PHE A 250 12.96 -4.79 10.69
C PHE A 250 14.14 -5.76 10.75
N GLN A 251 15.26 -5.38 10.12
CA GLN A 251 16.41 -6.27 10.02
C GLN A 251 16.98 -6.63 11.39
N GLN A 252 16.99 -5.68 12.32
CA GLN A 252 17.41 -5.97 13.69
C GLN A 252 16.44 -6.90 14.40
N ARG A 253 15.14 -6.78 14.09
CA ARG A 253 14.19 -7.77 14.62
C ARG A 253 14.58 -9.17 14.16
N GLY A 254 14.91 -9.32 12.88
CA GLY A 254 15.32 -10.59 12.32
C GLY A 254 16.54 -11.22 12.98
N ARG A 255 17.33 -10.43 13.71
CA ARG A 255 18.61 -10.88 14.26
C ARG A 255 18.64 -10.71 15.77
N ARG A 256 17.56 -11.10 16.43
CA ARG A 256 17.41 -11.03 17.88
C ARG A 256 17.50 -12.43 18.50
N PHE A 257 18.37 -12.58 19.50
CA PHE A 257 18.51 -13.87 20.19
C PHE A 257 17.36 -14.08 21.16
N GLY A 258 17.62 -14.84 22.22
CA GLY A 258 16.59 -15.19 23.18
C GLY A 258 15.52 -16.13 22.68
N GLY A 259 15.33 -16.24 21.36
CA GLY A 259 14.43 -17.24 20.80
C GLY A 259 12.97 -16.80 20.71
N ILE A 260 12.10 -17.81 20.62
CA ILE A 260 10.65 -17.56 20.52
C ILE A 260 9.89 -18.74 21.14
C5 53Q B . -9.73 8.49 -3.02
C6 53Q B . -7.32 8.97 -2.63
C7 53Q B . -6.45 8.14 -1.89
C8 53Q B . -5.10 7.96 -2.34
C9 53Q B . -4.64 8.63 -3.50
C10 53Q B . -5.52 9.47 -4.24
C11 53Q B . -6.86 9.62 -3.80
C12 53Q B . -3.30 8.53 -4.18
C13 53Q B . -2.10 9.06 -3.85
C14 53Q B . -1.93 9.80 -2.51
C15 53Q B . -0.88 9.19 -1.80
CL 53Q B . -0.73 8.72 -5.04
C19 53Q B . -2.72 10.83 -1.97
C18 53Q B . -2.36 11.28 -0.67
C17 53Q B . -1.27 10.72 0.04
C16 53Q B . -0.53 9.69 -0.54
C20 53Q B . -3.31 7.72 -5.48
C25 53Q B . -3.52 6.34 -5.29
C24 53Q B . -3.60 5.51 -6.42
C23 53Q B . -3.39 5.89 -7.75
C22 53Q B . -3.11 7.25 -7.90
C21 53Q B . -3.08 8.16 -6.80
O 53Q B . -8.67 9.20 -2.31
C4 53Q B . -10.62 7.82 -1.93
N1 53Q B . -11.08 8.92 -1.04
C3 53Q B . -11.77 9.87 -1.93
C2 53Q B . -11.75 11.30 -1.42
C26 53Q B . -11.97 8.31 -0.04
C27 53Q B . -12.32 9.32 1.05
#